data_9D5Y
#
_entry.id   9D5Y
#
_cell.length_a   65.928
_cell.length_b   65.928
_cell.length_c   185.783
_cell.angle_alpha   90.00
_cell.angle_beta   90.00
_cell.angle_gamma   120.00
#
_symmetry.space_group_name_H-M   'P 32 2 1'
#
loop_
_entity.id
_entity.type
_entity.pdbx_description
1 polymer 'Cobalt-containing nitrile hydratase subunit alpha'
2 polymer 'Cobalt-containing nitrile hydratase subunit beta'
3 non-polymer GLYCEROL
4 water water
#
loop_
_entity_poly.entity_id
_entity_poly.type
_entity_poly.pdbx_seq_one_letter_code
_entity_poly.pdbx_strand_id
1 'polypeptide(L)'
;MTENILRKSDEEIQKEITARVKALESMLIEQGILTTSMIDRMAEIYENEVGPHLGAKVVVKAWTDPEFKKRLLADGTEAC
KELGIGGLQGEDMMWVENTDEVHHVVVCTLCT(CSO)YPWPVLGLPPNWFKEPQYRSRVVREPRQLLKEEFGFEVPPSKE
IKVWDSSSEMRFVVLPQRPAGTDGWSEEELATLVTRESMIGVEPAKAV
;
A
2 'polypeptide(L)'
;MNGVYDVGGTDGLGPINRPADEPVFRAEWEKVAFAMFPATFRAGFMGLDEFRFGIEQMNPAEYLESPYYWHWIRTYIHHG
VRTGKIDLEELERRTQYYRENPDAPLPEHEQKPELIEFVNQAVYGGLPASREVDRPPKFKEGDVVRFSTASPKGHARRAR
YVRGKTGTVVKHHGAYIYPDTAGNGLGECPEHLYTVRFTAQELWGPEGDPNSSVYYDCWEPYIELVDT
;
B
#
loop_
_chem_comp.id
_chem_comp.type
_chem_comp.name
_chem_comp.formula
GOL non-polymer GLYCEROL 'C3 H8 O3'
#
# COMPACT_ATOMS: atom_id res chain seq x y z
N THR A 2 -15.78 6.32 -14.93
CA THR A 2 -17.15 6.43 -15.40
C THR A 2 -17.40 7.86 -15.87
N GLU A 3 -18.53 8.14 -16.51
CA GLU A 3 -18.70 9.49 -17.03
C GLU A 3 -19.14 10.39 -15.89
N ASN A 4 -18.57 11.59 -15.89
CA ASN A 4 -18.91 12.61 -14.90
C ASN A 4 -19.01 13.91 -15.68
N ILE A 5 -20.23 14.45 -15.80
CA ILE A 5 -20.42 15.66 -16.56
C ILE A 5 -19.70 16.84 -15.93
N LEU A 6 -19.17 16.67 -14.71
CA LEU A 6 -18.48 17.74 -14.00
C LEU A 6 -16.99 17.80 -14.31
N ARG A 7 -16.42 16.74 -14.89
CA ARG A 7 -14.97 16.58 -14.96
C ARG A 7 -14.38 17.24 -16.21
N LYS A 8 -13.36 18.08 -16.01
CA LYS A 8 -12.61 18.64 -17.13
C LYS A 8 -11.93 17.55 -17.94
N SER A 9 -11.31 17.95 -19.05
CA SER A 9 -10.63 16.97 -19.88
C SER A 9 -9.35 16.51 -19.20
N ASP A 10 -8.87 15.37 -19.64
CA ASP A 10 -7.66 14.80 -19.06
C ASP A 10 -6.45 15.69 -19.36
N GLU A 11 -6.52 16.44 -20.47
CA GLU A 11 -5.43 17.33 -20.85
C GLU A 11 -5.45 18.59 -20.01
N GLU A 12 -6.63 19.12 -19.72
CA GLU A 12 -6.66 20.30 -18.87
C GLU A 12 -6.26 19.95 -17.44
N ILE A 13 -6.55 18.72 -17.02
CA ILE A 13 -6.19 18.26 -15.68
C ILE A 13 -4.67 18.18 -15.55
N GLN A 14 -4.02 17.60 -16.56
CA GLN A 14 -2.57 17.44 -16.51
C GLN A 14 -1.87 18.78 -16.48
N LYS A 15 -2.36 19.74 -17.26
CA LYS A 15 -1.72 21.05 -17.33
C LYS A 15 -1.76 21.75 -15.97
N GLU A 16 -2.91 21.67 -15.28
CA GLU A 16 -3.01 22.23 -13.94
C GLU A 16 -2.07 21.53 -12.97
N ILE A 17 -2.20 20.21 -12.84
CA ILE A 17 -1.32 19.44 -11.97
C ILE A 17 0.14 19.77 -12.23
N THR A 18 0.53 19.92 -13.50
CA THR A 18 1.93 20.17 -13.81
C THR A 18 2.40 21.49 -13.22
N ALA A 19 1.62 22.55 -13.42
CA ALA A 19 1.96 23.85 -12.86
C ALA A 19 2.03 23.79 -11.36
N ARG A 20 1.06 23.11 -10.74
CA ARG A 20 1.01 23.06 -9.28
C ARG A 20 2.20 22.30 -8.70
N VAL A 21 2.60 21.20 -9.34
CA VAL A 21 3.73 20.42 -8.84
C VAL A 21 5.03 21.20 -9.01
N LYS A 22 5.19 21.89 -10.15
CA LYS A 22 6.40 22.66 -10.40
C LYS A 22 6.51 23.83 -9.44
N ALA A 23 5.39 24.48 -9.13
CA ALA A 23 5.42 25.53 -8.12
C ALA A 23 5.75 24.97 -6.75
N LEU A 24 5.15 23.85 -6.37
CA LEU A 24 5.52 23.21 -5.11
C LEU A 24 6.98 22.77 -5.15
N GLU A 25 7.39 22.15 -6.24
CA GLU A 25 8.78 21.76 -6.40
C GLU A 25 9.72 22.92 -6.15
N SER A 26 9.45 24.05 -6.80
CA SER A 26 10.37 25.18 -6.72
C SER A 26 10.57 25.64 -5.28
N MET A 27 9.53 25.49 -4.44
CA MET A 27 9.59 25.97 -3.06
C MET A 27 10.43 25.05 -2.18
N LEU A 28 10.28 23.74 -2.33
CA LEU A 28 11.08 22.79 -1.56
C LEU A 28 12.53 22.79 -2.02
N ILE A 29 12.78 23.11 -3.31
CA ILE A 29 14.16 23.31 -3.77
C ILE A 29 14.81 24.46 -3.04
N GLU A 30 14.10 25.59 -2.92
CA GLU A 30 14.65 26.71 -2.16
C GLU A 30 14.71 26.48 -0.67
N GLN A 31 13.93 25.57 -0.14
CA GLN A 31 14.16 25.22 1.25
C GLN A 31 15.39 24.34 1.45
N GLY A 32 16.01 23.86 0.39
CA GLY A 32 17.16 23.00 0.50
C GLY A 32 16.86 21.53 0.76
N ILE A 33 15.61 21.12 0.67
CA ILE A 33 15.25 19.74 1.03
C ILE A 33 15.02 18.86 -0.18
N LEU A 34 15.00 19.43 -1.36
CA LEU A 34 14.74 18.66 -2.55
C LEU A 34 15.72 19.11 -3.60
N THR A 35 16.20 18.16 -4.40
CA THR A 35 17.13 18.46 -5.47
C THR A 35 16.77 17.61 -6.69
N THR A 36 17.32 18.00 -7.83
CA THR A 36 17.11 17.21 -9.04
C THR A 36 17.74 15.82 -8.92
N SER A 37 18.98 15.73 -8.43
CA SER A 37 19.60 14.42 -8.32
C SER A 37 18.76 13.48 -7.45
N MET A 38 18.13 14.03 -6.41
CA MET A 38 17.36 13.20 -5.48
C MET A 38 16.04 12.74 -6.11
N ILE A 39 15.41 13.56 -6.95
CA ILE A 39 14.27 13.08 -7.73
C ILE A 39 14.69 11.97 -8.69
N ASP A 40 15.80 12.18 -9.40
CA ASP A 40 16.25 11.21 -10.41
C ASP A 40 16.56 9.87 -9.78
N ARG A 41 17.25 9.88 -8.63
CA ARG A 41 17.58 8.63 -7.95
C ARG A 41 16.30 7.86 -7.59
N MET A 42 15.37 8.49 -6.90
CA MET A 42 14.11 7.83 -6.61
C MET A 42 13.52 7.19 -7.85
N ALA A 43 13.55 7.90 -8.98
CA ALA A 43 12.89 7.39 -10.17
C ALA A 43 13.66 6.23 -10.77
N GLU A 44 14.98 6.32 -10.78
CA GLU A 44 15.79 5.22 -11.29
C GLU A 44 15.54 3.95 -10.49
N ILE A 45 15.49 4.06 -9.18
CA ILE A 45 15.38 2.89 -8.32
C ILE A 45 14.11 2.12 -8.64
N TYR A 46 12.99 2.81 -8.66
CA TYR A 46 11.70 2.16 -8.85
C TYR A 46 11.30 2.02 -10.32
N GLU A 47 11.98 2.69 -11.25
CA GLU A 47 11.77 2.40 -12.65
C GLU A 47 12.57 1.20 -13.14
N ASN A 48 13.73 0.93 -12.54
CA ASN A 48 14.68 0.01 -13.15
C ASN A 48 15.19 -1.02 -12.15
N GLU A 49 15.31 -0.65 -10.86
CA GLU A 49 15.97 -1.49 -9.87
C GLU A 49 15.03 -2.41 -9.08
N VAL A 50 14.02 -1.85 -8.42
CA VAL A 50 13.08 -2.61 -7.59
C VAL A 50 11.82 -2.92 -8.39
N GLY A 51 11.51 -4.19 -8.53
CA GLY A 51 10.36 -4.59 -9.29
C GLY A 51 10.01 -6.03 -9.02
N PRO A 52 8.94 -6.52 -9.64
CA PRO A 52 8.47 -7.88 -9.34
C PRO A 52 9.43 -8.99 -9.74
N HIS A 53 10.51 -8.68 -10.45
CA HIS A 53 11.52 -9.70 -10.67
C HIS A 53 12.15 -10.13 -9.37
N LEU A 54 12.11 -9.28 -8.36
CA LEU A 54 12.70 -9.66 -7.08
C LEU A 54 11.83 -10.69 -6.39
N GLY A 55 10.51 -10.47 -6.39
CA GLY A 55 9.60 -11.47 -5.84
C GLY A 55 9.67 -12.80 -6.57
N ALA A 56 9.66 -12.78 -7.90
CA ALA A 56 9.77 -14.04 -8.63
C ALA A 56 10.99 -14.86 -8.21
N LYS A 57 12.08 -14.23 -7.80
CA LYS A 57 13.25 -14.97 -7.37
C LYS A 57 12.98 -15.72 -6.07
N VAL A 58 12.30 -15.07 -5.12
CA VAL A 58 11.95 -15.75 -3.87
C VAL A 58 11.04 -16.92 -4.18
N VAL A 59 9.97 -16.67 -4.95
CA VAL A 59 9.01 -17.71 -5.28
C VAL A 59 9.70 -18.94 -5.86
N VAL A 60 10.56 -18.74 -6.86
CA VAL A 60 11.16 -19.92 -7.48
C VAL A 60 12.11 -20.61 -6.52
N LYS A 61 12.73 -19.87 -5.60
CA LYS A 61 13.49 -20.51 -4.54
C LYS A 61 12.60 -21.34 -3.64
N ALA A 62 11.46 -20.80 -3.22
CA ALA A 62 10.60 -21.58 -2.35
C ALA A 62 10.06 -22.81 -3.07
N TRP A 63 9.81 -22.68 -4.37
CA TRP A 63 9.29 -23.79 -5.17
C TRP A 63 10.33 -24.90 -5.33
N THR A 64 11.61 -24.59 -5.17
CA THR A 64 12.69 -25.53 -5.41
C THR A 64 13.50 -25.86 -4.16
N ASP A 65 13.22 -25.22 -3.03
CA ASP A 65 14.01 -25.38 -1.81
C ASP A 65 13.00 -25.43 -0.67
N PRO A 66 12.57 -26.63 -0.28
CA PRO A 66 11.47 -26.73 0.69
C PRO A 66 11.86 -26.18 2.02
N GLU A 67 13.14 -26.17 2.32
CA GLU A 67 13.56 -25.69 3.62
C GLU A 67 13.54 -24.17 3.63
N PHE A 68 13.97 -23.54 2.53
CA PHE A 68 13.76 -22.10 2.39
C PHE A 68 12.28 -21.76 2.40
N LYS A 69 11.46 -22.58 1.74
CA LYS A 69 10.03 -22.33 1.74
C LYS A 69 9.50 -22.26 3.16
N LYS A 70 9.96 -23.16 4.03
CA LYS A 70 9.59 -23.10 5.44
C LYS A 70 9.96 -21.76 6.05
N ARG A 71 11.22 -21.33 5.85
CA ARG A 71 11.70 -20.09 6.44
C ARG A 71 10.94 -18.89 5.91
N LEU A 72 10.58 -18.94 4.63
CA LEU A 72 9.82 -17.84 4.06
C LEU A 72 8.47 -17.73 4.73
N LEU A 73 7.86 -18.86 5.06
CA LEU A 73 6.54 -18.86 5.65
C LEU A 73 6.59 -18.55 7.16
N ALA A 74 7.68 -18.89 7.84
CA ALA A 74 7.79 -18.57 9.26
C ALA A 74 8.12 -17.09 9.49
N ASP A 75 8.92 -16.48 8.62
CA ASP A 75 9.21 -15.07 8.74
C ASP A 75 9.69 -14.61 7.38
N GLY A 76 8.94 -13.70 6.76
CA GLY A 76 9.15 -13.37 5.37
C GLY A 76 10.29 -12.41 5.13
N THR A 77 10.34 -11.35 5.91
CA THR A 77 11.42 -10.39 5.77
C THR A 77 12.77 -11.08 5.90
N GLU A 78 12.91 -11.91 6.93
CA GLU A 78 14.18 -12.56 7.17
C GLU A 78 14.53 -13.48 6.01
N ALA A 79 13.54 -14.24 5.53
CA ALA A 79 13.82 -15.16 4.45
C ALA A 79 14.24 -14.41 3.20
N CYS A 80 13.52 -13.33 2.87
CA CYS A 80 13.89 -12.58 1.67
C CYS A 80 15.26 -11.96 1.83
N LYS A 81 15.65 -11.61 3.05
CA LYS A 81 16.96 -11.04 3.27
C LYS A 81 18.07 -11.98 2.80
N GLU A 82 17.87 -13.29 2.94
CA GLU A 82 18.86 -14.25 2.45
C GLU A 82 19.26 -13.95 1.00
N LEU A 83 18.28 -13.63 0.15
CA LEU A 83 18.49 -13.30 -1.26
C LEU A 83 18.88 -11.84 -1.47
N GLY A 84 19.16 -11.10 -0.41
CA GLY A 84 19.48 -9.69 -0.53
C GLY A 84 18.32 -8.84 -0.98
N ILE A 85 17.09 -9.21 -0.61
CA ILE A 85 15.88 -8.50 -1.01
C ILE A 85 15.17 -7.96 0.24
N GLY A 86 14.80 -6.68 0.19
CA GLY A 86 14.08 -6.07 1.28
C GLY A 86 14.22 -4.56 1.27
N GLY A 87 13.68 -3.94 2.32
CA GLY A 87 13.83 -2.52 2.54
C GLY A 87 12.48 -1.82 2.60
N LEU A 88 12.46 -0.61 2.07
CA LEU A 88 11.33 0.30 2.21
C LEU A 88 10.00 -0.36 1.83
N GLN A 89 9.03 -0.25 2.73
CA GLN A 89 7.66 -0.75 2.55
C GLN A 89 7.60 -2.27 2.40
N GLY A 90 8.66 -2.97 2.78
CA GLY A 90 8.64 -4.41 2.96
C GLY A 90 9.41 -4.80 4.21
N GLU A 91 9.43 -3.90 5.19
CA GLU A 91 10.18 -4.17 6.41
C GLU A 91 9.58 -5.32 7.19
N ASP A 92 8.28 -5.55 7.04
CA ASP A 92 7.60 -6.67 7.68
C ASP A 92 6.80 -7.32 6.58
N MET A 93 7.12 -8.57 6.28
CA MET A 93 6.64 -9.20 5.06
C MET A 93 6.18 -10.58 5.48
N MET A 94 4.94 -10.91 5.17
CA MET A 94 4.39 -12.19 5.58
C MET A 94 3.84 -12.87 4.35
N TRP A 95 4.44 -13.99 3.98
CA TRP A 95 4.07 -14.69 2.76
C TRP A 95 3.05 -15.77 3.10
N VAL A 96 2.06 -15.91 2.22
CA VAL A 96 0.91 -16.81 2.41
C VAL A 96 0.84 -17.74 1.20
N GLU A 97 0.74 -19.04 1.46
CA GLU A 97 0.98 -20.06 0.43
C GLU A 97 -0.35 -20.57 -0.13
N ASN A 98 -0.54 -20.41 -1.44
CA ASN A 98 -1.72 -20.95 -2.09
C ASN A 98 -1.63 -22.47 -2.16
N THR A 99 -2.73 -23.13 -1.79
CA THR A 99 -2.76 -24.59 -1.81
C THR A 99 -3.92 -25.06 -2.68
N ASP A 100 -4.05 -26.38 -2.77
CA ASP A 100 -5.24 -26.90 -3.40
C ASP A 100 -6.49 -26.58 -2.58
N GLU A 101 -6.33 -26.28 -1.28
CA GLU A 101 -7.49 -25.99 -0.46
C GLU A 101 -7.79 -24.50 -0.30
N VAL A 102 -6.81 -23.63 -0.52
CA VAL A 102 -6.93 -22.22 -0.13
C VAL A 102 -6.33 -21.32 -1.19
N HIS A 103 -7.05 -20.28 -1.57
CA HIS A 103 -6.51 -19.22 -2.40
C HIS A 103 -6.43 -17.92 -1.61
N HIS A 104 -5.33 -17.19 -1.80
CA HIS A 104 -5.06 -15.93 -1.13
C HIS A 104 -5.08 -14.79 -2.11
N VAL A 105 -5.57 -13.64 -1.65
CA VAL A 105 -5.62 -12.43 -2.46
C VAL A 105 -5.46 -11.27 -1.52
N VAL A 106 -4.71 -10.27 -1.96
CA VAL A 106 -4.29 -9.18 -1.09
C VAL A 106 -4.83 -7.85 -1.61
N VAL A 107 -5.17 -6.96 -0.68
CA VAL A 107 -5.74 -5.66 -1.01
C VAL A 107 -5.33 -4.70 0.09
N CYS A 108 -5.43 -3.39 -0.20
CA CYS A 108 -5.38 -2.36 0.84
C CYS A 108 -6.60 -1.46 0.68
N THR A 109 -7.66 -1.72 1.46
CA THR A 109 -8.90 -0.99 1.28
C THR A 109 -8.83 0.44 1.78
N LEU A 110 -8.00 0.71 2.81
CA LEU A 110 -7.91 2.04 3.43
C LEU A 110 -6.92 2.96 2.74
N CYS A 111 -5.93 2.40 2.06
CA CYS A 111 -5.06 3.21 1.22
C CYS A 111 -4.44 2.35 0.15
N THR A 112 -3.13 2.41 0.00
CA THR A 112 -2.52 1.79 -1.15
C THR A 112 -1.26 0.95 -0.83
N CSO A 113 -1.17 0.49 0.42
CA CSO A 113 -0.08 -0.37 0.93
CB CSO A 113 -0.41 -0.91 2.33
SG CSO A 113 -0.26 0.40 3.55
C CSO A 113 0.23 -1.55 0.06
O CSO A 113 -0.67 -2.23 -0.41
OD CSO A 113 -1.08 0.01 5.11
N TYR A 114 1.52 -1.81 -0.12
CA TYR A 114 2.00 -2.74 -1.12
C TYR A 114 3.45 -3.03 -0.76
N PRO A 115 3.90 -4.31 -0.93
CA PRO A 115 5.29 -4.71 -0.61
C PRO A 115 6.31 -4.36 -1.70
N TRP A 116 6.78 -3.12 -1.63
CA TRP A 116 7.67 -2.57 -2.65
C TRP A 116 8.94 -3.39 -2.90
N PRO A 117 9.62 -3.96 -1.89
CA PRO A 117 10.94 -4.56 -2.15
C PRO A 117 10.87 -5.78 -3.03
N VAL A 118 9.70 -6.40 -3.18
CA VAL A 118 9.54 -7.58 -4.02
C VAL A 118 8.60 -7.36 -5.20
N LEU A 119 7.74 -6.37 -5.16
CA LEU A 119 6.85 -6.07 -6.26
C LEU A 119 7.05 -4.67 -6.83
N GLY A 120 7.90 -3.84 -6.24
CA GLY A 120 7.96 -2.50 -6.75
C GLY A 120 6.64 -1.81 -6.47
N LEU A 121 6.47 -0.64 -7.12
CA LEU A 121 5.29 0.19 -6.87
C LEU A 121 4.03 -0.45 -7.45
N PRO A 122 2.90 -0.32 -6.77
CA PRO A 122 1.68 -0.97 -7.23
C PRO A 122 1.21 -0.41 -8.56
N PRO A 123 0.65 -1.25 -9.43
CA PRO A 123 0.00 -0.72 -10.62
C PRO A 123 -1.20 0.11 -10.18
N ASN A 124 -1.67 0.96 -11.09
CA ASN A 124 -2.70 1.91 -10.72
C ASN A 124 -3.99 1.23 -10.33
N TRP A 125 -4.31 0.10 -10.95
CA TRP A 125 -5.56 -0.57 -10.62
C TRP A 125 -5.60 -1.02 -9.16
N PHE A 126 -4.44 -1.36 -8.58
CA PHE A 126 -4.42 -1.83 -7.19
C PHE A 126 -4.71 -0.70 -6.21
N LYS A 127 -4.33 0.51 -6.57
CA LYS A 127 -4.54 1.67 -5.72
C LYS A 127 -5.94 2.25 -5.88
N GLU A 128 -6.68 1.86 -6.87
CA GLU A 128 -7.91 2.57 -7.16
C GLU A 128 -9.10 1.94 -6.46
N PRO A 129 -10.20 2.69 -6.33
CA PRO A 129 -11.30 2.25 -5.45
C PRO A 129 -12.15 1.11 -6.01
N GLN A 130 -12.13 0.86 -7.31
CA GLN A 130 -12.91 -0.24 -7.89
C GLN A 130 -12.45 -1.58 -7.34
N TYR A 131 -11.15 -1.86 -7.46
CA TYR A 131 -10.61 -3.11 -6.91
C TYR A 131 -10.75 -3.15 -5.39
N ARG A 132 -10.28 -2.08 -4.72
CA ARG A 132 -10.22 -2.07 -3.27
C ARG A 132 -11.59 -2.26 -2.63
N SER A 133 -12.63 -1.67 -3.22
CA SER A 133 -13.97 -1.70 -2.62
C SER A 133 -14.69 -3.03 -2.80
N ARG A 134 -14.41 -3.76 -3.88
CA ARG A 134 -15.15 -4.98 -4.23
C ARG A 134 -14.45 -6.28 -3.84
N VAL A 135 -13.13 -6.30 -3.67
CA VAL A 135 -12.45 -7.57 -3.46
C VAL A 135 -12.74 -8.14 -2.07
N VAL A 136 -12.95 -7.28 -1.07
CA VAL A 136 -13.28 -7.78 0.26
C VAL A 136 -14.70 -8.29 0.33
N ARG A 137 -15.57 -7.80 -0.55
CA ARG A 137 -17.00 -8.08 -0.51
C ARG A 137 -17.37 -9.26 -1.40
N GLU A 138 -16.78 -9.32 -2.60
CA GLU A 138 -17.11 -10.35 -3.60
C GLU A 138 -15.84 -10.82 -4.27
N PRO A 139 -14.90 -11.37 -3.48
CA PRO A 139 -13.65 -11.86 -4.09
C PRO A 139 -13.87 -12.87 -5.21
N ARG A 140 -14.75 -13.85 -4.99
CA ARG A 140 -14.87 -14.92 -5.96
C ARG A 140 -15.33 -14.39 -7.31
N GLN A 141 -16.40 -13.58 -7.31
CA GLN A 141 -16.90 -13.03 -8.57
C GLN A 141 -15.88 -12.10 -9.21
N LEU A 142 -15.27 -11.22 -8.43
CA LEU A 142 -14.37 -10.26 -9.03
C LEU A 142 -13.21 -10.96 -9.74
N LEU A 143 -12.77 -12.09 -9.21
CA LEU A 143 -11.60 -12.75 -9.81
C LEU A 143 -11.93 -13.38 -11.15
N LYS A 144 -13.11 -14.00 -11.27
CA LYS A 144 -13.51 -14.44 -12.60
C LYS A 144 -13.77 -13.24 -13.50
N GLU A 145 -14.58 -12.31 -13.00
CA GLU A 145 -15.10 -11.24 -13.83
C GLU A 145 -13.98 -10.34 -14.31
N GLU A 146 -13.07 -9.99 -13.41
CA GLU A 146 -12.05 -9.05 -13.88
C GLU A 146 -10.85 -9.79 -14.46
N PHE A 147 -10.44 -10.89 -13.83
CA PHE A 147 -9.23 -11.61 -14.23
C PHE A 147 -9.52 -12.98 -14.81
N GLY A 148 -10.77 -13.29 -15.13
CA GLY A 148 -11.12 -14.59 -15.66
C GLY A 148 -10.53 -15.71 -14.83
N PHE A 149 -10.38 -15.48 -13.53
CA PHE A 149 -9.80 -16.48 -12.64
C PHE A 149 -10.93 -17.13 -11.85
N GLU A 150 -11.19 -18.39 -12.16
CA GLU A 150 -12.29 -19.13 -11.55
C GLU A 150 -11.77 -19.90 -10.36
N VAL A 151 -12.15 -19.47 -9.16
CA VAL A 151 -11.95 -20.26 -7.94
C VAL A 151 -13.19 -21.14 -7.77
N PRO A 152 -13.05 -22.46 -7.88
CA PRO A 152 -14.19 -23.33 -7.67
C PRO A 152 -14.96 -22.92 -6.43
N PRO A 153 -16.28 -22.86 -6.50
CA PRO A 153 -17.09 -22.51 -5.32
C PRO A 153 -16.66 -23.16 -4.01
N SER A 154 -16.12 -24.39 -4.07
CA SER A 154 -15.79 -25.15 -2.88
C SER A 154 -14.44 -24.80 -2.26
N LYS A 155 -13.64 -23.95 -2.90
CA LYS A 155 -12.33 -23.58 -2.39
C LYS A 155 -12.44 -22.28 -1.59
N GLU A 156 -11.89 -22.27 -0.38
CA GLU A 156 -11.82 -21.02 0.37
C GLU A 156 -10.97 -19.97 -0.32
N ILE A 157 -11.45 -18.72 -0.26
CA ILE A 157 -10.66 -17.55 -0.61
C ILE A 157 -10.47 -16.70 0.64
N LYS A 158 -9.22 -16.40 0.95
CA LYS A 158 -8.86 -15.55 2.07
C LYS A 158 -8.38 -14.23 1.49
N VAL A 159 -9.06 -13.14 1.86
CA VAL A 159 -8.68 -11.80 1.45
C VAL A 159 -7.91 -11.17 2.60
N TRP A 160 -6.71 -10.68 2.33
CA TRP A 160 -5.87 -10.11 3.35
C TRP A 160 -5.87 -8.61 3.14
N ASP A 161 -6.53 -7.88 4.02
CA ASP A 161 -6.58 -6.43 3.97
C ASP A 161 -5.42 -5.90 4.79
N SER A 162 -4.44 -5.29 4.14
CA SER A 162 -3.21 -4.86 4.80
CA SER A 162 -3.20 -4.84 4.78
C SER A 162 -3.47 -3.50 5.43
N SER A 163 -3.98 -3.52 6.67
CA SER A 163 -4.29 -2.30 7.40
C SER A 163 -3.12 -1.82 8.26
N SER A 164 -2.05 -2.58 8.36
CA SER A 164 -0.89 -2.25 9.17
C SER A 164 0.35 -2.12 8.29
N GLU A 165 1.52 -2.11 8.91
CA GLU A 165 2.76 -2.11 8.14
C GLU A 165 3.20 -3.52 7.78
N MET A 166 2.46 -4.53 8.24
CA MET A 166 2.62 -5.88 7.75
C MET A 166 2.21 -5.93 6.28
N ARG A 167 3.07 -6.53 5.46
CA ARG A 167 2.86 -6.63 4.04
C ARG A 167 2.66 -8.11 3.71
N PHE A 168 1.54 -8.43 3.08
CA PHE A 168 1.18 -9.80 2.76
C PHE A 168 1.52 -10.06 1.31
N VAL A 169 2.13 -11.20 1.04
CA VAL A 169 2.53 -11.59 -0.32
C VAL A 169 2.10 -13.05 -0.52
N VAL A 170 1.41 -13.32 -1.62
CA VAL A 170 0.96 -14.68 -1.92
C VAL A 170 2.10 -15.48 -2.54
N LEU A 171 2.29 -16.68 -2.04
CA LEU A 171 3.14 -17.68 -2.66
C LEU A 171 2.24 -18.49 -3.59
N PRO A 172 2.32 -18.26 -4.90
CA PRO A 172 1.42 -18.97 -5.82
C PRO A 172 1.89 -20.40 -6.03
N GLN A 173 0.94 -21.26 -6.39
CA GLN A 173 1.24 -22.66 -6.56
C GLN A 173 2.07 -22.86 -7.83
N ARG A 174 3.03 -23.78 -7.76
CA ARG A 174 3.90 -24.03 -8.89
C ARG A 174 3.11 -24.73 -9.99
N PRO A 175 3.13 -24.21 -11.21
CA PRO A 175 2.33 -24.83 -12.27
C PRO A 175 2.82 -26.24 -12.51
N ALA A 176 1.87 -27.12 -12.81
CA ALA A 176 2.20 -28.46 -13.24
C ALA A 176 2.86 -28.39 -14.61
N GLY A 177 3.67 -29.40 -14.93
CA GLY A 177 4.40 -29.43 -16.17
C GLY A 177 5.80 -28.88 -16.10
N THR A 178 6.25 -28.47 -14.92
CA THR A 178 7.53 -27.78 -14.79
C THR A 178 8.51 -28.58 -13.96
N ASP A 179 8.24 -29.87 -13.74
CA ASP A 179 9.08 -30.70 -12.88
C ASP A 179 10.48 -30.78 -13.46
N GLY A 180 11.47 -30.36 -12.67
CA GLY A 180 12.86 -30.32 -13.08
C GLY A 180 13.35 -29.04 -13.73
N TRP A 181 12.53 -27.99 -13.73
CA TRP A 181 12.89 -26.74 -14.40
C TRP A 181 13.90 -25.96 -13.56
N SER A 182 14.79 -25.25 -14.24
CA SER A 182 15.75 -24.41 -13.53
C SER A 182 15.05 -23.17 -12.97
N GLU A 183 15.63 -22.61 -11.91
CA GLU A 183 15.06 -21.42 -11.30
C GLU A 183 14.77 -20.31 -12.31
N GLU A 184 15.65 -20.15 -13.31
CA GLU A 184 15.46 -19.11 -14.33
C GLU A 184 14.22 -19.35 -15.17
N GLU A 185 13.97 -20.62 -15.52
CA GLU A 185 12.85 -20.99 -16.36
C GLU A 185 11.53 -20.89 -15.61
N LEU A 186 11.54 -21.30 -14.32
CA LEU A 186 10.34 -21.17 -13.51
C LEU A 186 9.94 -19.72 -13.32
N ALA A 187 10.93 -18.84 -13.12
CA ALA A 187 10.68 -17.42 -12.85
C ALA A 187 9.73 -16.82 -13.89
N THR A 188 9.98 -17.10 -15.16
CA THR A 188 9.14 -16.58 -16.24
C THR A 188 7.67 -16.87 -15.99
N LEU A 189 7.35 -17.87 -15.18
CA LEU A 189 5.95 -18.12 -14.85
C LEU A 189 5.43 -17.24 -13.72
N VAL A 190 6.30 -16.52 -13.01
CA VAL A 190 5.91 -15.78 -11.82
C VAL A 190 5.58 -14.33 -12.17
N THR A 191 4.33 -13.94 -11.90
CA THR A 191 3.83 -12.62 -12.27
C THR A 191 3.52 -11.80 -11.03
N ARG A 192 3.74 -10.49 -11.15
CA ARG A 192 3.15 -9.54 -10.20
C ARG A 192 1.77 -10.01 -9.76
N GLU A 193 0.89 -10.30 -10.73
CA GLU A 193 -0.48 -10.69 -10.41
C GLU A 193 -0.49 -11.96 -9.59
N SER A 194 0.47 -12.86 -9.82
CA SER A 194 0.47 -14.13 -9.10
C SER A 194 0.74 -13.94 -7.62
N MET A 195 1.59 -12.98 -7.26
CA MET A 195 1.86 -12.67 -5.86
C MET A 195 0.91 -11.64 -5.23
N ILE A 196 -0.03 -11.08 -5.98
CA ILE A 196 -1.12 -10.35 -5.36
C ILE A 196 -2.27 -11.30 -5.02
N GLY A 197 -2.38 -12.42 -5.72
CA GLY A 197 -3.48 -13.35 -5.58
C GLY A 197 -4.56 -13.16 -6.60
N VAL A 198 -4.42 -12.18 -7.50
CA VAL A 198 -5.43 -11.93 -8.53
C VAL A 198 -5.32 -12.91 -9.68
N GLU A 199 -4.22 -13.64 -9.80
CA GLU A 199 -4.08 -14.66 -10.83
C GLU A 199 -3.24 -15.78 -10.27
N PRO A 200 -3.23 -16.93 -10.93
CA PRO A 200 -2.18 -17.92 -10.71
C PRO A 200 -0.95 -17.54 -11.53
N ALA A 201 0.13 -18.28 -11.28
CA ALA A 201 1.29 -18.22 -12.16
C ALA A 201 0.90 -18.75 -13.54
N LYS A 202 1.65 -18.33 -14.57
CA LYS A 202 1.29 -18.64 -15.95
C LYS A 202 1.21 -20.14 -16.19
N ALA A 203 0.19 -20.56 -16.94
CA ALA A 203 0.07 -21.96 -17.30
C ALA A 203 1.19 -22.32 -18.25
N VAL A 204 1.23 -23.59 -18.62
CA VAL A 204 2.23 -24.09 -19.56
C VAL A 204 3.62 -24.12 -18.91
N MET B 1 -10.66 8.57 10.71
CA MET B 1 -11.92 9.30 10.49
C MET B 1 -12.90 8.49 9.62
N ASN B 2 -14.09 9.04 9.38
CA ASN B 2 -15.07 8.32 8.56
C ASN B 2 -15.19 8.90 7.16
N GLY B 3 -14.12 8.80 6.36
CA GLY B 3 -14.10 9.39 5.04
C GLY B 3 -14.28 8.39 3.89
N VAL B 4 -14.39 8.96 2.69
CA VAL B 4 -14.69 8.19 1.47
C VAL B 4 -13.53 7.29 1.08
N TYR B 5 -12.32 7.65 1.48
CA TYR B 5 -11.18 6.79 1.23
C TYR B 5 -11.39 5.39 1.81
N ASP B 6 -12.24 5.26 2.85
CA ASP B 6 -12.50 3.99 3.53
C ASP B 6 -13.59 3.26 2.71
N VAL B 7 -13.14 2.62 1.62
CA VAL B 7 -14.03 2.14 0.58
C VAL B 7 -14.41 0.67 0.73
N GLY B 8 -13.77 -0.08 1.62
CA GLY B 8 -14.05 -1.49 1.70
C GLY B 8 -15.51 -1.76 1.92
N GLY B 9 -16.11 -2.56 1.03
CA GLY B 9 -17.53 -2.85 1.10
C GLY B 9 -18.41 -1.91 0.31
N THR B 10 -17.85 -0.85 -0.26
CA THR B 10 -18.64 0.09 -1.05
C THR B 10 -19.09 -0.53 -2.37
N ASP B 11 -20.26 -0.12 -2.84
CA ASP B 11 -20.74 -0.55 -4.12
C ASP B 11 -20.78 0.64 -5.07
N GLY B 12 -20.98 0.34 -6.35
CA GLY B 12 -21.25 1.37 -7.33
C GLY B 12 -20.07 2.20 -7.76
N LEU B 13 -18.85 1.75 -7.48
CA LEU B 13 -17.67 2.56 -7.82
C LEU B 13 -17.24 2.41 -9.27
N GLY B 14 -17.69 1.37 -9.95
CA GLY B 14 -17.40 1.19 -11.35
C GLY B 14 -16.50 0.01 -11.54
N PRO B 15 -16.37 -0.45 -12.77
CA PRO B 15 -15.46 -1.57 -13.05
C PRO B 15 -14.00 -1.14 -13.02
N ILE B 16 -13.14 -2.13 -12.98
CA ILE B 16 -11.71 -1.91 -12.86
C ILE B 16 -11.18 -1.48 -14.22
N ASN B 17 -10.42 -0.41 -14.25
CA ASN B 17 -9.68 -0.03 -15.45
C ASN B 17 -8.24 -0.53 -15.33
N ARG B 18 -7.85 -1.42 -16.22
CA ARG B 18 -6.60 -2.17 -16.11
C ARG B 18 -5.94 -2.27 -17.47
N PRO B 19 -5.24 -1.21 -17.90
CA PRO B 19 -4.54 -1.27 -19.18
C PRO B 19 -3.62 -2.48 -19.22
N ALA B 20 -3.37 -3.00 -20.43
CA ALA B 20 -2.53 -4.18 -20.56
C ALA B 20 -1.11 -3.91 -20.06
N ASP B 21 -0.64 -2.69 -20.21
CA ASP B 21 0.62 -2.32 -19.58
C ASP B 21 0.62 -0.80 -19.42
N GLU B 22 1.32 -0.34 -18.41
CA GLU B 22 1.41 1.06 -18.08
C GLU B 22 2.79 1.30 -17.48
N PRO B 23 3.36 2.46 -17.68
CA PRO B 23 4.70 2.72 -17.18
C PRO B 23 4.64 2.95 -15.68
N VAL B 24 5.80 2.85 -15.05
CA VAL B 24 5.86 3.16 -13.63
C VAL B 24 5.35 4.57 -13.37
N PHE B 25 5.90 5.54 -14.09
CA PHE B 25 5.56 6.94 -13.96
C PHE B 25 5.02 7.41 -15.27
N ARG B 26 3.82 7.96 -15.25
CA ARG B 26 3.11 8.28 -16.46
C ARG B 26 3.44 9.67 -16.96
N ALA B 27 4.13 10.46 -16.15
CA ALA B 27 4.46 11.83 -16.49
C ALA B 27 5.56 12.31 -15.56
N GLU B 28 6.32 13.29 -16.03
CA GLU B 28 7.42 13.82 -15.22
C GLU B 28 6.94 14.30 -13.87
N TRP B 29 5.76 14.93 -13.82
CA TRP B 29 5.29 15.40 -12.53
C TRP B 29 5.15 14.27 -11.53
N GLU B 30 4.87 13.04 -12.00
CA GLU B 30 4.71 11.93 -11.07
C GLU B 30 6.02 11.56 -10.40
N LYS B 31 7.12 11.61 -11.14
CA LYS B 31 8.42 11.38 -10.52
C LYS B 31 8.67 12.39 -9.42
N VAL B 32 8.32 13.64 -9.68
CA VAL B 32 8.55 14.70 -8.71
C VAL B 32 7.71 14.47 -7.46
N ALA B 33 6.42 14.23 -7.63
CA ALA B 33 5.56 14.02 -6.47
C ALA B 33 6.05 12.83 -5.65
N PHE B 34 6.55 11.79 -6.34
CA PHE B 34 7.07 10.60 -5.68
C PHE B 34 8.31 10.93 -4.84
N ALA B 35 9.31 11.57 -5.46
CA ALA B 35 10.54 11.88 -4.73
C ALA B 35 10.29 12.81 -3.55
N MET B 36 9.20 13.59 -3.61
CA MET B 36 8.91 14.59 -2.59
C MET B 36 8.59 13.91 -1.27
N PHE B 37 8.36 12.59 -1.31
CA PHE B 37 7.94 11.89 -0.09
C PHE B 37 9.13 11.75 0.85
N PRO B 38 10.24 11.13 0.43
CA PRO B 38 11.43 11.20 1.27
C PRO B 38 11.85 12.63 1.62
N ALA B 39 11.64 13.59 0.72
CA ALA B 39 12.15 14.94 0.92
C ALA B 39 11.42 15.64 2.07
N THR B 40 10.09 15.56 2.08
CA THR B 40 9.32 16.16 3.15
C THR B 40 9.38 15.34 4.43
N PHE B 41 9.56 14.02 4.30
CA PHE B 41 9.76 13.18 5.48
C PHE B 41 11.02 13.60 6.24
N ARG B 42 12.18 13.58 5.58
CA ARG B 42 13.41 14.01 6.23
C ARG B 42 13.29 15.41 6.82
N ALA B 43 12.54 16.30 6.18
CA ALA B 43 12.46 17.70 6.56
C ALA B 43 11.51 17.97 7.71
N GLY B 44 10.80 16.96 8.20
CA GLY B 44 9.89 17.16 9.30
C GLY B 44 8.47 17.50 8.93
N PHE B 45 8.09 17.39 7.66
CA PHE B 45 6.72 17.68 7.28
C PHE B 45 5.77 16.72 7.97
N MET B 46 6.11 15.43 7.95
CA MET B 46 5.24 14.42 8.53
C MET B 46 5.96 13.08 8.51
N GLY B 47 5.34 12.11 9.17
CA GLY B 47 5.70 10.72 9.06
C GLY B 47 4.64 9.93 8.31
N LEU B 48 4.83 8.62 8.32
CA LEU B 48 4.02 7.75 7.48
C LEU B 48 2.55 7.83 7.87
N ASP B 49 2.25 7.74 9.16
CA ASP B 49 0.86 7.78 9.62
C ASP B 49 0.25 9.15 9.40
N GLU B 50 1.03 10.22 9.58
CA GLU B 50 0.55 11.57 9.31
C GLU B 50 0.35 11.82 7.83
N PHE B 51 1.24 11.29 7.00
CA PHE B 51 1.07 11.35 5.55
C PHE B 51 -0.30 10.83 5.15
N ARG B 52 -0.68 9.66 5.66
CA ARG B 52 -1.93 9.04 5.24
C ARG B 52 -3.13 9.89 5.65
N PHE B 53 -3.08 10.47 6.85
CA PHE B 53 -4.20 11.29 7.32
C PHE B 53 -4.38 12.54 6.48
N GLY B 54 -3.28 13.05 5.91
CA GLY B 54 -3.39 14.17 4.96
C GLY B 54 -4.21 13.79 3.74
N ILE B 55 -3.94 12.62 3.17
CA ILE B 55 -4.76 12.19 2.04
C ILE B 55 -6.20 11.99 2.49
N GLU B 56 -6.39 11.48 3.71
CA GLU B 56 -7.73 11.21 4.21
C GLU B 56 -8.57 12.46 4.39
N GLN B 57 -7.97 13.66 4.31
CA GLN B 57 -8.71 14.90 4.44
C GLN B 57 -8.95 15.60 3.11
N MET B 58 -8.64 14.93 2.01
CA MET B 58 -8.90 15.48 0.68
C MET B 58 -10.38 15.67 0.43
N ASN B 59 -10.71 16.60 -0.45
CA ASN B 59 -12.06 16.70 -0.93
C ASN B 59 -12.44 15.34 -1.52
N PRO B 60 -13.62 14.81 -1.21
CA PRO B 60 -13.90 13.41 -1.60
C PRO B 60 -13.99 13.17 -3.10
N ALA B 61 -14.60 14.09 -3.85
CA ALA B 61 -14.76 13.89 -5.28
C ALA B 61 -13.43 13.97 -6.00
N GLU B 62 -12.56 14.86 -5.55
CA GLU B 62 -11.22 14.92 -6.11
C GLU B 62 -10.43 13.66 -5.78
N TYR B 63 -10.52 13.16 -4.55
CA TYR B 63 -9.83 11.93 -4.19
C TYR B 63 -10.23 10.79 -5.11
N LEU B 64 -11.53 10.67 -5.39
CA LEU B 64 -12.03 9.51 -6.10
C LEU B 64 -11.58 9.47 -7.56
N GLU B 65 -11.43 10.64 -8.20
CA GLU B 65 -11.13 10.73 -9.63
C GLU B 65 -9.81 11.39 -9.96
N SER B 66 -9.03 11.76 -9.01
CA SER B 66 -7.81 12.40 -9.42
C SER B 66 -6.68 11.39 -9.55
N PRO B 67 -5.62 11.73 -10.29
CA PRO B 67 -4.45 10.85 -10.36
C PRO B 67 -3.86 10.60 -8.98
N TYR B 68 -3.42 9.37 -8.77
CA TYR B 68 -2.96 8.93 -7.46
C TYR B 68 -1.92 9.85 -6.87
N TYR B 69 -0.87 10.19 -7.64
CA TYR B 69 0.19 11.00 -7.04
C TYR B 69 -0.25 12.42 -6.75
N TRP B 70 -1.35 12.88 -7.35
CA TRP B 70 -1.91 14.14 -6.93
C TRP B 70 -2.34 14.11 -5.47
N HIS B 71 -2.77 12.95 -4.98
CA HIS B 71 -3.10 12.81 -3.56
C HIS B 71 -1.88 13.11 -2.71
N TRP B 72 -0.71 12.63 -3.14
CA TRP B 72 0.50 12.93 -2.41
C TRP B 72 0.76 14.42 -2.39
N ILE B 73 0.60 15.10 -3.52
CA ILE B 73 0.74 16.55 -3.54
C ILE B 73 -0.16 17.18 -2.50
N ARG B 74 -1.44 16.83 -2.50
CA ARG B 74 -2.37 17.36 -1.52
C ARG B 74 -1.84 17.16 -0.10
N THR B 75 -1.35 15.97 0.21
CA THR B 75 -0.90 15.74 1.58
C THR B 75 0.35 16.57 1.91
N TYR B 76 1.24 16.78 0.94
CA TYR B 76 2.42 17.59 1.19
C TYR B 76 2.03 19.01 1.56
N ILE B 77 1.16 19.59 0.75
CA ILE B 77 0.71 20.95 0.99
C ILE B 77 0.02 21.02 2.34
N HIS B 78 -0.79 20.00 2.65
CA HIS B 78 -1.53 19.97 3.90
C HIS B 78 -0.61 20.10 5.10
N HIS B 79 0.45 19.31 5.13
CA HIS B 79 1.39 19.38 6.25
C HIS B 79 2.38 20.52 6.12
N GLY B 80 2.59 21.03 4.90
CA GLY B 80 3.40 22.22 4.76
C GLY B 80 2.75 23.41 5.44
N VAL B 81 1.45 23.57 5.27
CA VAL B 81 0.73 24.63 5.95
C VAL B 81 0.67 24.36 7.45
N ARG B 82 0.25 23.17 7.83
CA ARG B 82 0.18 22.77 9.24
C ARG B 82 1.45 23.13 10.00
N THR B 83 2.60 22.91 9.40
CA THR B 83 3.87 23.16 10.06
C THR B 83 4.45 24.54 9.78
N GLY B 84 3.76 25.38 9.00
CA GLY B 84 4.29 26.68 8.60
C GLY B 84 5.40 26.65 7.58
N LYS B 85 5.86 25.47 7.19
CA LYS B 85 6.90 25.37 6.19
C LYS B 85 6.44 25.79 4.81
N ILE B 86 5.15 25.88 4.56
CA ILE B 86 4.65 26.25 3.25
C ILE B 86 3.73 27.44 3.44
N ASP B 87 4.04 28.54 2.77
CA ASP B 87 3.17 29.69 2.72
C ASP B 87 2.31 29.61 1.47
N LEU B 88 0.99 29.71 1.67
CA LEU B 88 0.05 29.36 0.61
C LEU B 88 -0.01 30.42 -0.48
N GLU B 89 0.04 31.69 -0.11
CA GLU B 89 -0.06 32.77 -1.10
C GLU B 89 1.13 32.74 -2.05
N GLU B 90 2.32 32.52 -1.50
CA GLU B 90 3.49 32.27 -2.32
C GLU B 90 3.27 31.07 -3.24
N LEU B 91 2.70 29.99 -2.73
CA LEU B 91 2.49 28.81 -3.56
C LEU B 91 1.51 29.09 -4.69
N GLU B 92 0.44 29.84 -4.40
CA GLU B 92 -0.56 30.15 -5.42
C GLU B 92 -0.04 31.13 -6.45
N ARG B 93 0.80 32.08 -6.03
CA ARG B 93 1.35 33.00 -6.98
C ARG B 93 2.29 32.27 -7.94
N ARG B 94 3.04 31.30 -7.41
CA ARG B 94 4.00 30.58 -8.25
C ARG B 94 3.32 29.60 -9.21
N THR B 95 2.26 28.93 -8.74
CA THR B 95 1.46 28.10 -9.63
C THR B 95 1.06 28.90 -10.87
N GLN B 96 0.54 30.10 -10.65
CA GLN B 96 0.20 31.03 -11.73
C GLN B 96 1.40 31.29 -12.64
N TYR B 97 2.58 31.44 -12.05
CA TYR B 97 3.74 31.68 -12.87
C TYR B 97 4.05 30.49 -13.75
N TYR B 98 3.94 29.27 -13.21
CA TYR B 98 4.25 28.10 -14.01
C TYR B 98 3.13 27.65 -14.92
N ARG B 99 1.90 28.06 -14.63
CA ARG B 99 0.86 27.97 -15.64
C ARG B 99 1.25 28.78 -16.87
N GLU B 100 1.62 30.06 -16.69
CA GLU B 100 1.93 30.96 -17.80
C GLU B 100 3.35 30.81 -18.33
N ASN B 101 4.25 30.23 -17.56
CA ASN B 101 5.63 30.02 -18.00
C ASN B 101 6.00 28.57 -17.70
N PRO B 102 5.39 27.61 -18.39
CA PRO B 102 5.58 26.21 -18.01
C PRO B 102 7.00 25.73 -18.24
N ASP B 103 7.79 26.45 -19.02
CA ASP B 103 9.17 26.09 -19.30
C ASP B 103 10.18 26.96 -18.55
N ALA B 104 9.73 27.82 -17.66
CA ALA B 104 10.66 28.60 -16.88
C ALA B 104 11.52 27.64 -16.05
N PRO B 105 12.72 28.04 -15.69
CA PRO B 105 13.61 27.13 -14.98
C PRO B 105 13.23 27.05 -13.51
N LEU B 106 13.71 25.98 -12.88
CA LEU B 106 13.53 25.82 -11.46
C LEU B 106 14.59 26.63 -10.70
N PRO B 107 14.36 26.90 -9.41
CA PRO B 107 15.34 27.67 -8.64
C PRO B 107 16.74 27.06 -8.74
N GLU B 108 17.75 27.93 -8.76
CA GLU B 108 19.13 27.48 -8.66
C GLU B 108 19.37 26.82 -7.32
N HIS B 109 20.05 25.66 -7.33
CA HIS B 109 20.31 24.89 -6.11
C HIS B 109 21.58 24.06 -6.23
N GLU B 110 22.18 23.79 -5.08
CA GLU B 110 23.31 22.88 -4.96
C GLU B 110 22.79 21.45 -4.79
N GLN B 111 23.50 20.50 -5.38
CA GLN B 111 23.20 19.11 -5.12
C GLN B 111 23.77 18.71 -3.76
N LYS B 112 23.10 17.78 -3.10
CA LYS B 112 23.42 17.38 -1.74
C LYS B 112 23.64 15.88 -1.70
N PRO B 113 24.88 15.43 -1.47
CA PRO B 113 25.13 13.99 -1.37
C PRO B 113 24.31 13.32 -0.28
N GLU B 114 24.09 14.03 0.83
CA GLU B 114 23.42 13.41 1.97
C GLU B 114 21.99 13.03 1.64
N LEU B 115 21.38 13.73 0.66
CA LEU B 115 20.03 13.39 0.25
C LEU B 115 20.00 12.11 -0.56
N ILE B 116 21.04 11.87 -1.36
CA ILE B 116 21.12 10.59 -2.04
C ILE B 116 21.39 9.48 -1.03
N GLU B 117 22.35 9.70 -0.12
CA GLU B 117 22.60 8.68 0.89
C GLU B 117 21.35 8.41 1.69
N PHE B 118 20.62 9.47 2.03
CA PHE B 118 19.34 9.26 2.67
C PHE B 118 18.47 8.35 1.83
N VAL B 119 18.35 8.65 0.54
CA VAL B 119 17.48 7.89 -0.36
C VAL B 119 17.87 6.42 -0.34
N ASN B 120 19.14 6.14 -0.63
CA ASN B 120 19.64 4.78 -0.71
C ASN B 120 19.41 4.04 0.61
N GLN B 121 19.78 4.66 1.73
CA GLN B 121 19.55 4.07 3.04
C GLN B 121 18.08 3.67 3.21
N ALA B 122 17.15 4.61 2.98
CA ALA B 122 15.75 4.28 3.19
C ALA B 122 15.31 3.13 2.28
N VAL B 123 15.63 3.19 0.99
CA VAL B 123 15.09 2.23 0.04
C VAL B 123 15.53 0.81 0.40
N TYR B 124 16.78 0.67 0.80
CA TYR B 124 17.39 -0.66 0.98
C TYR B 124 17.37 -1.13 2.44
N GLY B 125 17.46 -0.23 3.40
CA GLY B 125 17.28 -0.54 4.81
C GLY B 125 15.88 -0.36 5.37
N GLY B 126 14.95 0.23 4.62
CA GLY B 126 13.61 0.38 5.12
C GLY B 126 13.48 1.33 6.28
N LEU B 127 12.23 1.62 6.69
CA LEU B 127 11.88 2.48 7.82
C LEU B 127 11.04 1.69 8.81
N PRO B 128 11.64 0.75 9.54
CA PRO B 128 10.83 -0.24 10.27
C PRO B 128 9.96 0.39 11.35
N ALA B 129 8.72 -0.08 11.43
CA ALA B 129 7.78 0.44 12.42
C ALA B 129 7.64 -0.42 13.66
N SER B 130 8.28 -1.60 13.72
CA SER B 130 8.13 -2.44 14.89
C SER B 130 8.93 -1.90 16.06
N ARG B 131 8.43 -2.14 17.26
CA ARG B 131 8.97 -1.51 18.46
C ARG B 131 8.84 -2.51 19.60
N GLU B 132 9.69 -2.36 20.60
CA GLU B 132 9.64 -3.22 21.77
C GLU B 132 8.71 -2.54 22.77
N VAL B 133 8.04 -3.33 23.59
CA VAL B 133 7.15 -2.74 24.60
C VAL B 133 7.32 -3.49 25.93
N ASP B 134 7.07 -2.79 27.03
CA ASP B 134 7.15 -3.44 28.33
C ASP B 134 5.95 -4.34 28.61
N ARG B 135 4.86 -4.14 27.92
CA ARG B 135 3.74 -5.00 28.25
C ARG B 135 3.73 -6.24 27.36
N PRO B 136 3.30 -7.37 27.91
CA PRO B 136 3.12 -8.59 27.11
C PRO B 136 1.83 -8.53 26.29
N PRO B 137 1.76 -9.26 25.19
CA PRO B 137 0.54 -9.24 24.39
C PRO B 137 -0.63 -9.65 25.25
N LYS B 138 -1.73 -8.94 25.07
CA LYS B 138 -2.92 -9.25 25.82
C LYS B 138 -3.65 -10.45 25.22
N PHE B 139 -3.47 -10.69 23.92
CA PHE B 139 -4.22 -11.73 23.21
C PHE B 139 -3.29 -12.76 22.59
N LYS B 140 -3.90 -13.84 22.10
CA LYS B 140 -3.18 -14.95 21.52
C LYS B 140 -4.03 -15.59 20.44
N GLU B 141 -3.37 -16.33 19.55
CA GLU B 141 -4.05 -17.11 18.53
C GLU B 141 -5.20 -17.94 19.09
N GLY B 142 -6.33 -17.92 18.40
CA GLY B 142 -7.50 -18.65 18.82
C GLY B 142 -8.47 -17.86 19.66
N ASP B 143 -8.03 -16.77 20.26
CA ASP B 143 -8.94 -15.93 21.03
C ASP B 143 -10.00 -15.34 20.12
N VAL B 144 -11.25 -15.39 20.56
CA VAL B 144 -12.34 -14.68 19.90
C VAL B 144 -12.43 -13.27 20.46
N VAL B 145 -12.48 -12.29 19.54
CA VAL B 145 -12.37 -10.88 19.88
C VAL B 145 -13.41 -10.12 19.07
N ARG B 146 -13.80 -8.97 19.57
CA ARG B 146 -14.76 -8.13 18.88
C ARG B 146 -14.07 -6.80 18.56
N PHE B 147 -14.32 -6.29 17.36
CA PHE B 147 -13.71 -5.05 16.93
C PHE B 147 -14.44 -3.84 17.50
N SER B 148 -13.65 -2.85 17.88
CA SER B 148 -14.15 -1.64 18.51
C SER B 148 -15.20 -0.96 17.65
N THR B 149 -16.17 -0.35 18.31
CA THR B 149 -17.18 0.44 17.64
C THR B 149 -16.89 1.94 17.65
N ALA B 150 -15.73 2.35 18.19
CA ALA B 150 -15.42 3.77 18.27
C ALA B 150 -15.21 4.33 16.87
N SER B 151 -15.53 5.60 16.71
CA SER B 151 -15.46 6.26 15.41
C SER B 151 -14.69 7.57 15.57
N PRO B 152 -13.41 7.48 15.88
CA PRO B 152 -12.65 8.69 16.16
C PRO B 152 -12.63 9.58 14.94
N LYS B 153 -12.47 10.87 15.17
CA LYS B 153 -12.44 11.76 14.01
C LYS B 153 -11.05 11.92 13.42
N GLY B 154 -10.00 11.65 14.19
CA GLY B 154 -8.66 11.68 13.65
C GLY B 154 -8.29 10.41 12.91
N HIS B 155 -7.00 10.29 12.65
CA HIS B 155 -6.50 9.14 11.93
C HIS B 155 -6.57 7.89 12.78
N ALA B 156 -6.90 6.78 12.11
CA ALA B 156 -6.91 5.45 12.70
C ALA B 156 -7.02 4.50 11.54
N ARG B 157 -6.81 3.22 11.80
CA ARG B 157 -7.02 2.20 10.77
C ARG B 157 -8.21 1.34 11.15
N ARG B 158 -9.38 1.94 11.22
CA ARG B 158 -10.60 1.28 11.67
C ARG B 158 -11.60 1.28 10.54
N ALA B 159 -11.37 0.45 9.52
CA ALA B 159 -12.33 0.35 8.42
C ALA B 159 -13.73 0.17 8.95
N ARG B 160 -14.69 0.84 8.30
CA ARG B 160 -16.05 0.77 8.81
C ARG B 160 -16.63 -0.64 8.70
N TYR B 161 -16.18 -1.42 7.72
CA TYR B 161 -16.80 -2.73 7.53
C TYR B 161 -16.41 -3.75 8.60
N VAL B 162 -15.40 -3.48 9.44
CA VAL B 162 -15.02 -4.39 10.52
C VAL B 162 -15.51 -3.92 11.88
N ARG B 163 -15.96 -2.69 12.00
CA ARG B 163 -16.27 -2.18 13.33
C ARG B 163 -17.41 -2.96 13.95
N GLY B 164 -17.23 -3.29 15.23
CA GLY B 164 -18.21 -4.03 16.00
C GLY B 164 -18.32 -5.49 15.61
N LYS B 165 -17.48 -5.96 14.69
CA LYS B 165 -17.50 -7.33 14.21
C LYS B 165 -16.67 -8.24 15.10
N THR B 166 -16.95 -9.53 15.00
CA THR B 166 -16.33 -10.55 15.81
C THR B 166 -15.46 -11.46 14.94
N GLY B 167 -14.26 -11.76 15.42
CA GLY B 167 -13.32 -12.61 14.72
C GLY B 167 -12.40 -13.36 15.66
N THR B 168 -11.47 -14.10 15.08
CA THR B 168 -10.53 -14.93 15.81
C THR B 168 -9.11 -14.44 15.55
N VAL B 169 -8.36 -14.24 16.62
CA VAL B 169 -6.97 -13.81 16.48
C VAL B 169 -6.21 -14.91 15.78
N VAL B 170 -5.47 -14.53 14.74
CA VAL B 170 -4.73 -15.46 13.91
C VAL B 170 -3.25 -15.48 14.26
N LYS B 171 -2.63 -14.31 14.38
CA LYS B 171 -1.21 -14.22 14.71
C LYS B 171 -0.99 -12.93 15.47
N HIS B 172 -0.03 -12.95 16.38
CA HIS B 172 0.44 -11.74 17.04
C HIS B 172 1.80 -11.40 16.45
N HIS B 173 1.97 -10.15 15.98
CA HIS B 173 3.13 -9.75 15.17
C HIS B 173 4.24 -9.06 15.95
N GLY B 174 4.02 -8.81 17.24
CA GLY B 174 4.81 -7.85 17.98
C GLY B 174 4.10 -6.52 18.05
N ALA B 175 4.77 -5.56 18.68
CA ALA B 175 4.25 -4.22 18.83
C ALA B 175 4.79 -3.30 17.75
N TYR B 176 3.96 -2.35 17.33
CA TYR B 176 4.26 -1.45 16.23
C TYR B 176 3.73 -0.07 16.57
N ILE B 177 4.28 0.94 15.89
CA ILE B 177 3.75 2.31 15.89
C ILE B 177 2.23 2.26 15.79
N TYR B 178 1.57 3.05 16.63
CA TYR B 178 0.13 3.05 16.70
C TYR B 178 -0.41 4.19 15.86
N PRO B 179 -1.16 3.92 14.78
CA PRO B 179 -1.64 5.02 13.92
C PRO B 179 -2.46 6.05 14.66
N ASP B 180 -3.31 5.62 15.59
CA ASP B 180 -4.25 6.54 16.23
C ASP B 180 -3.57 7.65 17.01
N THR B 181 -2.33 7.46 17.44
CA THR B 181 -1.56 8.58 17.96
C THR B 181 -0.60 9.12 16.91
N ALA B 182 0.13 8.22 16.26
CA ALA B 182 1.15 8.65 15.31
C ALA B 182 0.54 9.55 14.28
N GLY B 183 -0.59 9.13 13.70
CA GLY B 183 -1.20 9.87 12.61
C GLY B 183 -1.78 11.20 13.03
N ASN B 184 -1.92 11.42 14.32
CA ASN B 184 -2.51 12.65 14.82
C ASN B 184 -1.46 13.51 15.53
N GLY B 185 -0.19 13.23 15.30
CA GLY B 185 0.87 14.03 15.88
C GLY B 185 1.11 13.79 17.34
N LEU B 186 0.69 12.63 17.85
CA LEU B 186 0.74 12.35 19.27
C LEU B 186 1.79 11.34 19.64
N GLY B 187 2.64 10.95 18.69
CA GLY B 187 3.76 10.07 18.99
C GLY B 187 3.47 8.62 18.63
N GLU B 188 4.51 7.80 18.76
CA GLU B 188 4.44 6.41 18.30
C GLU B 188 3.54 5.56 19.18
N CYS B 189 3.59 5.77 20.51
CA CYS B 189 2.87 5.03 21.55
C CYS B 189 2.56 3.63 21.07
N PRO B 190 3.59 2.80 20.88
CA PRO B 190 3.40 1.52 20.18
C PRO B 190 2.52 0.55 20.94
N GLU B 191 1.72 -0.20 20.17
CA GLU B 191 0.80 -1.20 20.68
C GLU B 191 1.06 -2.52 19.97
N HIS B 192 0.67 -3.61 20.61
CA HIS B 192 0.73 -4.94 20.00
C HIS B 192 -0.23 -5.04 18.82
N LEU B 193 0.22 -5.72 17.76
CA LEU B 193 -0.50 -5.86 16.49
C LEU B 193 -0.81 -7.33 16.23
N TYR B 194 -2.05 -7.58 15.80
CA TYR B 194 -2.58 -8.92 15.60
C TYR B 194 -3.32 -8.97 14.28
N THR B 195 -3.21 -10.08 13.55
CA THR B 195 -4.11 -10.31 12.44
C THR B 195 -5.34 -11.06 12.97
N VAL B 196 -6.51 -10.65 12.49
CA VAL B 196 -7.78 -11.21 12.93
C VAL B 196 -8.56 -11.64 11.71
N ARG B 197 -9.20 -12.80 11.81
CA ARG B 197 -9.93 -13.41 10.71
C ARG B 197 -11.43 -13.19 10.89
N PHE B 198 -12.09 -12.69 9.85
CA PHE B 198 -13.51 -12.36 9.86
C PHE B 198 -14.16 -13.12 8.70
N THR B 199 -15.19 -13.90 8.99
CA THR B 199 -15.78 -14.62 7.86
C THR B 199 -16.58 -13.62 7.02
N ALA B 200 -16.76 -13.95 5.74
CA ALA B 200 -17.56 -13.09 4.88
C ALA B 200 -19.01 -12.98 5.39
N GLN B 201 -19.50 -14.03 6.01
CA GLN B 201 -20.86 -13.99 6.51
C GLN B 201 -20.96 -13.07 7.72
N GLU B 202 -19.98 -13.14 8.63
CA GLU B 202 -19.87 -12.15 9.69
C GLU B 202 -19.85 -10.74 9.12
N LEU B 203 -19.12 -10.55 8.01
CA LEU B 203 -18.94 -9.21 7.48
C LEU B 203 -20.15 -8.73 6.69
N TRP B 204 -20.75 -9.58 5.87
CA TRP B 204 -21.70 -9.10 4.86
C TRP B 204 -23.12 -9.60 5.05
N GLY B 205 -23.39 -10.43 6.05
CA GLY B 205 -24.70 -11.00 6.22
C GLY B 205 -24.87 -12.27 5.41
N PRO B 206 -26.06 -12.47 4.81
CA PRO B 206 -26.26 -13.63 3.91
C PRO B 206 -25.58 -13.48 2.57
N GLU B 207 -25.39 -12.24 2.11
CA GLU B 207 -24.71 -11.95 0.86
C GLU B 207 -23.23 -12.34 0.87
N GLY B 208 -22.76 -13.04 1.91
CA GLY B 208 -21.36 -13.37 2.05
C GLY B 208 -21.04 -14.81 1.68
N ASP B 209 -19.98 -14.98 0.90
CA ASP B 209 -19.51 -16.30 0.52
C ASP B 209 -19.34 -17.18 1.76
N PRO B 210 -20.11 -18.27 1.91
CA PRO B 210 -19.97 -19.13 3.10
C PRO B 210 -18.60 -19.77 3.22
N ASN B 211 -17.69 -19.46 2.30
CA ASN B 211 -16.42 -20.14 2.13
C ASN B 211 -15.32 -19.14 1.91
N SER B 212 -15.42 -17.98 2.52
CA SER B 212 -14.46 -16.91 2.31
C SER B 212 -14.31 -16.15 3.61
N SER B 213 -13.11 -15.61 3.82
CA SER B 213 -12.79 -14.86 5.02
C SER B 213 -11.98 -13.65 4.65
N VAL B 214 -11.97 -12.66 5.55
CA VAL B 214 -11.15 -11.48 5.42
C VAL B 214 -10.22 -11.44 6.63
N TYR B 215 -8.93 -11.26 6.36
CA TYR B 215 -7.93 -11.16 7.40
C TYR B 215 -7.55 -9.68 7.53
N TYR B 216 -7.65 -9.15 8.73
CA TYR B 216 -7.47 -7.72 8.95
C TYR B 216 -6.56 -7.51 10.14
N ASP B 217 -5.65 -6.56 10.05
CA ASP B 217 -4.69 -6.34 11.13
C ASP B 217 -5.26 -5.33 12.13
N CYS B 218 -5.15 -5.67 13.41
CA CYS B 218 -5.75 -4.87 14.47
C CYS B 218 -4.67 -4.57 15.51
N TRP B 219 -4.54 -3.30 15.88
CA TRP B 219 -3.76 -2.99 17.06
C TRP B 219 -4.56 -3.29 18.33
N GLU B 220 -3.84 -3.67 19.39
CA GLU B 220 -4.42 -4.17 20.63
C GLU B 220 -5.66 -3.42 21.11
N PRO B 221 -5.69 -2.08 21.08
CA PRO B 221 -6.88 -1.39 21.59
C PRO B 221 -8.10 -1.56 20.73
N TYR B 222 -7.93 -2.05 19.50
CA TYR B 222 -9.07 -2.18 18.60
C TYR B 222 -9.97 -3.34 18.96
N ILE B 223 -9.48 -4.29 19.76
CA ILE B 223 -10.16 -5.56 19.95
C ILE B 223 -10.23 -5.87 21.43
N GLU B 224 -11.39 -6.34 21.86
CA GLU B 224 -11.61 -6.79 23.21
C GLU B 224 -12.03 -8.24 23.14
N LEU B 225 -11.70 -8.97 24.20
CA LEU B 225 -11.87 -10.41 24.17
C LEU B 225 -13.35 -10.78 24.09
N VAL B 226 -13.61 -11.87 23.39
CA VAL B 226 -14.89 -12.57 23.45
C VAL B 226 -14.74 -13.95 24.10
N ASP B 227 -13.89 -14.81 23.54
CA ASP B 227 -13.72 -16.17 24.04
C ASP B 227 -12.28 -16.61 23.81
N THR B 228 -11.68 -17.23 24.84
CA THR B 228 -10.25 -17.50 24.89
C THR B 228 -9.87 -18.95 24.52
C1 GOL C . 1.49 4.38 1.56
O1 GOL C . 0.78 5.58 1.82
C2 GOL C . 0.63 3.20 1.91
O2 GOL C . 1.27 1.99 1.49
C3 GOL C . -0.74 3.28 1.28
O3 GOL C . -1.31 4.56 1.50
H11 GOL C . 2.32 4.38 2.08
H12 GOL C . 1.75 4.36 0.62
HO1 GOL C . 0.85 5.73 2.66
H2 GOL C . 0.52 3.16 2.89
HO2 GOL C . 1.16 1.42 2.11
H31 GOL C . -1.34 2.61 1.67
H32 GOL C . -0.68 3.13 0.32
HO3 GOL C . -1.73 4.77 0.77
#